data_9C0I
#
_entry.id   9C0I
#
_cell.length_a   1.00
_cell.length_b   1.00
_cell.length_c   1.00
_cell.angle_alpha   90.00
_cell.angle_beta   90.00
_cell.angle_gamma   90.00
#
_symmetry.space_group_name_H-M   'P 1'
#
loop_
_entity.id
_entity.type
_entity.pdbx_description
1 polymer 'Reverse transcriptase/maturase family protein'
2 polymer 'DNA primer'
3 polymer 'DRT2 ncRNA'
4 non-polymer 'MAGNESIUM ION'
5 non-polymer 'POTASSIUM ION'
#
loop_
_entity_poly.entity_id
_entity_poly.type
_entity_poly.pdbx_seq_one_letter_code
_entity_poly.pdbx_strand_id
1 'polypeptide(L)'
;MNNDDYPWFRKRGYLHFDEPVSLKKAVKYVSSPEKIIKHSFLPFLSFEVKSFKIKKDKSTKQLSKTEKLRPIAYSSHLDS
HIYAFYAEYLTGHYELLIQENNLHENILAFRSLNKSNIEFAKRAFDTITEMGECSAVALDLSGFFDNLDHQILKHQWCKV
IGTEALPQDHFAIYKSITRYSKVDKNRAYEILGISKNNPKYNRRKICTPVDFRNKIRKNGLIIVNNSQKGIPQGSPISAL
LSNIYMLDFDIEMRDYAQERGGHYYRYCDDMLFIVPTKYNKTLAGDVAQRIKHLKVELNTKKTEIRDFIYKDSTLVANMP
LQYLGFIFDGSNILLRSSSLARYSERMKRGVRLAKATMDSKNRIRENKGEALKALFKKKLYARYSHIGRRNFLTYGYRAA
KIMNSKAIKRQLKPLQKRLENEILK
;
A
2 'polydeoxyribonucleotide' (DG)(DA)(DT)(DA)(DT) P
3 'polyribonucleotide'
;GGCCCUAAACAAAGGUUUAGGGGUAUUGUACAGGUUGUCAAGCCUCCCACAGGUCUUGGUGAAACCAAUCACUGUGACGA
CGGUAAGCAACACUUGGAUGAUAUUCAUAAUUGACUCCACGCUACUGAUUACAUUAUACAGCAUAUCUAACAUUUGCGGC
GAGGUUCACAAUUUGUAUUUAGGUACUGAUUGUGGAUGAGAAGGUUGGAGAAAGACCACUUGGUUAAGCCGGAGGAUGUG
UCCUAGAAUUGUCGCUAUUCUGUCAUCCUCCGGUUUUGCUAAU
;
R
#
# COMPACT_ATOMS: atom_id res chain seq x y z
N MET A 1 20.47 17.10 -18.63
CA MET A 1 19.76 17.45 -17.41
C MET A 1 20.07 16.46 -16.29
N ASN A 2 19.72 16.82 -15.07
CA ASN A 2 19.93 15.98 -13.90
C ASN A 2 18.60 15.66 -13.24
N ASN A 3 18.44 14.40 -12.81
CA ASN A 3 17.22 13.96 -12.14
C ASN A 3 16.99 14.65 -10.80
N ASP A 4 18.07 15.10 -10.14
CA ASP A 4 17.97 15.68 -8.80
C ASP A 4 17.24 17.02 -8.78
N ASP A 5 17.20 17.74 -9.89
CA ASP A 5 16.42 18.96 -9.95
C ASP A 5 14.95 18.69 -10.25
N TYR A 6 14.61 17.48 -10.67
CA TYR A 6 13.24 17.12 -11.03
C TYR A 6 12.84 15.84 -10.30
N PRO A 7 12.44 15.95 -9.02
CA PRO A 7 12.13 14.75 -8.22
C PRO A 7 10.89 13.98 -8.67
N TRP A 8 9.99 14.60 -9.44
CA TRP A 8 8.81 13.92 -9.93
C TRP A 8 9.10 12.88 -11.02
N PHE A 9 10.27 12.95 -11.65
CA PHE A 9 10.56 12.06 -12.80
C PHE A 9 11.10 10.71 -12.36
N ARG A 10 10.36 9.67 -12.69
CA ARG A 10 10.81 8.30 -12.46
C ARG A 10 10.60 7.48 -13.73
N LYS A 11 11.62 6.73 -14.12
CA LYS A 11 11.47 5.76 -15.20
C LYS A 11 10.82 4.49 -14.67
N ARG A 12 9.86 3.96 -15.41
CA ARG A 12 9.05 2.83 -14.97
C ARG A 12 9.28 1.63 -15.88
N GLY A 13 9.10 0.44 -15.33
CA GLY A 13 9.60 -0.77 -15.95
C GLY A 13 8.65 -1.61 -16.78
N TYR A 14 7.35 -1.36 -16.67
CA TYR A 14 6.37 -2.20 -17.36
C TYR A 14 6.23 -1.80 -18.84
N LEU A 15 5.74 -2.75 -19.63
CA LEU A 15 5.25 -2.43 -20.96
C LEU A 15 3.88 -1.78 -20.91
N HIS A 16 3.62 -0.90 -21.87
CA HIS A 16 2.32 -0.26 -22.01
C HIS A 16 2.11 0.01 -23.50
N PHE A 17 1.14 0.86 -23.83
CA PHE A 17 0.86 1.19 -25.21
C PHE A 17 1.84 2.19 -25.81
N ASP A 18 2.75 2.75 -25.01
CA ASP A 18 3.74 3.69 -25.49
C ASP A 18 5.10 3.38 -24.87
N GLU A 19 6.13 4.00 -25.41
CA GLU A 19 7.51 3.68 -24.99
C GLU A 19 8.01 4.64 -23.93
N PRO A 20 8.92 4.20 -23.03
CA PRO A 20 9.55 5.11 -22.07
C PRO A 20 10.12 6.37 -22.74
N VAL A 21 10.06 7.54 -22.08
CA VAL A 21 10.54 8.84 -22.65
C VAL A 21 11.76 9.32 -21.87
N SER A 22 12.51 10.31 -22.37
CA SER A 22 13.66 10.87 -21.59
C SER A 22 13.30 12.12 -20.78
N LEU A 23 14.17 12.58 -19.89
CA LEU A 23 13.84 13.69 -18.96
C LEU A 23 13.60 14.97 -19.74
N LYS A 24 14.33 15.14 -20.82
CA LYS A 24 14.22 16.36 -21.63
C LYS A 24 12.82 16.52 -22.24
N LYS A 25 12.23 15.43 -22.78
CA LYS A 25 10.88 15.47 -23.40
C LYS A 25 9.80 15.56 -22.32
N ALA A 26 9.92 14.83 -21.23
CA ALA A 26 8.96 14.94 -20.11
C ALA A 26 8.93 16.38 -19.59
N VAL A 27 10.09 16.98 -19.32
CA VAL A 27 10.13 18.32 -18.74
C VAL A 27 9.56 19.35 -19.72
N LYS A 28 9.90 19.21 -21.02
CA LYS A 28 9.36 20.13 -22.02
C LYS A 28 7.85 19.94 -22.21
N TYR A 29 7.35 18.71 -22.05
CA TYR A 29 5.94 18.44 -22.30
C TYR A 29 5.06 18.85 -21.12
N VAL A 30 5.36 18.37 -19.90
CA VAL A 30 4.39 18.48 -18.81
C VAL A 30 4.32 19.90 -18.26
N SER A 31 5.34 20.73 -18.49
CA SER A 31 5.34 22.10 -17.99
C SER A 31 4.44 23.04 -18.79
N SER A 32 3.89 22.60 -19.92
CA SER A 32 3.01 23.41 -20.75
C SER A 32 1.56 23.02 -20.48
N PRO A 33 0.73 23.92 -19.96
CA PRO A 33 -0.70 23.60 -19.75
C PRO A 33 -1.48 23.38 -21.03
N GLU A 34 -1.05 23.97 -22.15
CA GLU A 34 -1.72 23.76 -23.43
C GLU A 34 -1.58 22.32 -23.91
N LYS A 35 -0.40 21.73 -23.65
CA LYS A 35 -0.16 20.32 -23.93
C LYS A 35 -1.08 19.42 -23.11
N ILE A 36 -1.31 19.79 -21.84
CA ILE A 36 -2.19 19.02 -20.96
C ILE A 36 -3.63 19.12 -21.42
N ILE A 37 -4.04 20.30 -21.91
CA ILE A 37 -5.39 20.49 -22.44
C ILE A 37 -5.60 19.69 -23.73
N LYS A 38 -4.57 19.58 -24.57
CA LYS A 38 -4.68 18.82 -25.82
C LYS A 38 -4.17 17.39 -25.74
N HIS A 39 -3.83 16.88 -24.56
CA HIS A 39 -3.27 15.54 -24.43
C HIS A 39 -4.27 14.43 -24.75
N SER A 40 -3.76 13.36 -25.39
CA SER A 40 -4.53 12.16 -25.71
C SER A 40 -4.19 11.10 -24.67
N PHE A 41 -5.03 11.00 -23.65
CA PHE A 41 -4.82 10.02 -22.58
C PHE A 41 -5.08 8.59 -23.07
N LEU A 42 -4.14 7.70 -22.79
CA LEU A 42 -4.31 6.28 -23.09
C LEU A 42 -5.05 5.58 -21.95
N PRO A 43 -5.71 4.45 -22.22
CA PRO A 43 -6.34 3.70 -21.13
C PRO A 43 -5.33 3.05 -20.19
N PHE A 44 -5.81 2.79 -18.97
CA PHE A 44 -5.03 2.04 -17.98
C PHE A 44 -4.97 0.57 -18.37
N LEU A 45 -3.90 -0.10 -17.97
CA LEU A 45 -3.85 -1.55 -18.01
C LEU A 45 -4.18 -2.10 -16.63
N SER A 46 -4.94 -3.21 -16.61
CA SER A 46 -5.51 -3.66 -15.34
C SER A 46 -5.35 -5.17 -15.15
N PHE A 47 -5.22 -5.54 -13.87
CA PHE A 47 -5.21 -6.92 -13.40
C PHE A 47 -5.61 -6.89 -11.93
N GLU A 48 -5.75 -8.10 -11.35
CA GLU A 48 -6.15 -8.25 -9.95
C GLU A 48 -5.06 -8.93 -9.14
N VAL A 49 -4.74 -8.36 -7.99
CA VAL A 49 -3.82 -8.96 -7.04
C VAL A 49 -4.59 -9.95 -6.16
N LYS A 50 -4.08 -11.18 -6.06
CA LYS A 50 -4.74 -12.26 -5.35
C LYS A 50 -4.14 -12.44 -3.96
N SER A 51 -5.01 -12.59 -2.95
CA SER A 51 -4.59 -12.81 -1.58
C SER A 51 -5.50 -13.85 -0.93
N PHE A 52 -4.93 -14.63 0.00
CA PHE A 52 -5.67 -15.65 0.72
C PHE A 52 -5.53 -15.49 2.22
N LYS A 53 -6.64 -15.66 2.92
CA LYS A 53 -6.67 -15.81 4.37
C LYS A 53 -7.20 -17.20 4.70
N ILE A 54 -6.43 -17.98 5.46
CA ILE A 54 -6.84 -19.32 5.88
C ILE A 54 -7.20 -19.27 7.36
N LYS A 55 -8.37 -19.80 7.70
CA LYS A 55 -8.90 -19.71 9.06
C LYS A 55 -9.68 -20.99 9.35
N LYS A 56 -9.00 -21.96 9.96
CA LYS A 56 -9.70 -23.13 10.48
C LYS A 56 -10.47 -22.77 11.75
N ASP A 57 -11.66 -23.35 11.89
CA ASP A 57 -12.44 -23.19 13.10
C ASP A 57 -11.79 -23.91 14.29
N LYS A 58 -11.72 -23.22 15.41
CA LYS A 58 -11.01 -23.74 16.58
C LYS A 58 -11.80 -24.78 17.36
N SER A 59 -13.07 -25.02 16.99
CA SER A 59 -13.83 -26.10 17.60
C SER A 59 -13.50 -27.44 16.95
N THR A 60 -13.48 -27.49 15.61
CA THR A 60 -13.44 -28.78 14.91
C THR A 60 -12.36 -28.89 13.83
N LYS A 61 -11.51 -27.87 13.63
CA LYS A 61 -10.34 -27.89 12.74
C LYS A 61 -10.69 -28.18 11.27
N GLN A 62 -11.81 -27.63 10.81
CA GLN A 62 -12.22 -27.78 9.43
C GLN A 62 -11.62 -26.68 8.54
N LEU A 63 -11.29 -27.05 7.30
CA LEU A 63 -10.67 -26.10 6.37
C LEU A 63 -11.64 -25.00 5.94
N SER A 64 -11.15 -23.76 5.96
CA SER A 64 -11.84 -22.65 5.31
C SER A 64 -10.81 -21.61 4.88
N LYS A 65 -10.78 -21.31 3.58
CA LYS A 65 -9.91 -20.26 3.06
C LYS A 65 -10.69 -19.40 2.07
N THR A 66 -10.48 -18.10 2.14
CA THR A 66 -11.22 -17.12 1.37
C THR A 66 -10.29 -16.41 0.41
N GLU A 67 -10.64 -16.38 -0.87
CA GLU A 67 -9.91 -15.59 -1.85
C GLU A 67 -10.30 -14.13 -1.76
N LYS A 68 -9.30 -13.25 -1.77
CA LYS A 68 -9.53 -11.81 -1.79
C LYS A 68 -8.91 -11.23 -3.05
N LEU A 69 -9.63 -10.31 -3.69
CA LEU A 69 -9.23 -9.73 -4.96
C LEU A 69 -9.12 -8.21 -4.82
N ARG A 70 -7.99 -7.67 -5.23
CA ARG A 70 -7.79 -6.22 -5.23
C ARG A 70 -7.61 -5.75 -6.67
N PRO A 71 -8.52 -4.96 -7.23
CA PRO A 71 -8.33 -4.48 -8.61
C PRO A 71 -7.28 -3.37 -8.70
N ILE A 72 -6.34 -3.57 -9.62
CA ILE A 72 -5.17 -2.72 -9.79
C ILE A 72 -5.17 -2.19 -11.21
N ALA A 73 -4.87 -0.89 -11.38
CA ALA A 73 -4.81 -0.31 -12.72
C ALA A 73 -3.69 0.72 -12.79
N TYR A 74 -2.78 0.56 -13.76
CA TYR A 74 -1.61 1.41 -13.90
C TYR A 74 -1.57 2.08 -15.28
N SER A 75 -1.06 3.31 -15.32
CA SER A 75 -1.12 4.18 -16.48
C SER A 75 0.15 4.12 -17.32
N SER A 76 0.06 4.68 -18.53
CA SER A 76 1.17 4.71 -19.47
C SER A 76 2.25 5.70 -19.01
N HIS A 77 3.36 5.73 -19.74
CA HIS A 77 4.58 6.41 -19.29
C HIS A 77 4.41 7.93 -19.25
N LEU A 78 3.87 8.51 -20.33
CA LEU A 78 3.69 9.96 -20.40
C LEU A 78 2.56 10.41 -19.47
N ASP A 79 1.54 9.58 -19.38
CA ASP A 79 0.42 9.84 -18.45
C ASP A 79 0.95 9.78 -17.03
N SER A 80 1.80 8.84 -16.72
CA SER A 80 2.41 8.67 -15.39
C SER A 80 3.32 9.86 -15.05
N HIS A 81 3.92 10.52 -16.03
CA HIS A 81 4.76 11.72 -15.79
C HIS A 81 3.87 12.94 -15.56
N ILE A 82 2.74 13.02 -16.24
CA ILE A 82 1.78 14.11 -16.02
C ILE A 82 1.16 14.02 -14.62
N TYR A 83 0.75 12.81 -14.21
CA TYR A 83 0.18 12.61 -12.87
C TYR A 83 1.19 12.88 -11.77
N ALA A 84 2.46 12.50 -11.98
CA ALA A 84 3.50 12.76 -10.97
C ALA A 84 3.80 14.25 -10.84
N PHE A 85 3.80 14.99 -11.96
CA PHE A 85 4.05 16.43 -11.93
C PHE A 85 2.91 17.18 -11.23
N TYR A 86 1.67 16.82 -11.51
CA TYR A 86 0.57 17.52 -10.86
C TYR A 86 0.36 17.06 -9.42
N ALA A 87 0.79 15.84 -9.06
CA ALA A 87 0.81 15.45 -7.65
C ALA A 87 1.87 16.22 -6.88
N GLU A 88 3.00 16.50 -7.53
CA GLU A 88 4.03 17.37 -6.96
C GLU A 88 3.51 18.79 -6.73
N TYR A 89 2.67 19.28 -7.65
CA TYR A 89 2.04 20.59 -7.43
C TYR A 89 1.03 20.55 -6.29
N LEU A 90 0.19 19.52 -6.23
CA LEU A 90 -0.89 19.49 -5.23
C LEU A 90 -0.39 19.21 -3.81
N THR A 91 0.77 18.55 -3.68
CA THR A 91 1.34 18.22 -2.37
C THR A 91 1.69 19.48 -1.57
N GLY A 92 2.25 20.49 -2.26
CA GLY A 92 2.63 21.72 -1.58
C GLY A 92 1.45 22.52 -1.06
N HIS A 93 0.33 22.50 -1.78
CA HIS A 93 -0.87 23.16 -1.30
C HIS A 93 -1.56 22.35 -0.21
N TYR A 94 -1.45 21.02 -0.26
CA TYR A 94 -2.05 20.18 0.78
C TYR A 94 -1.32 20.33 2.12
N GLU A 95 0.02 20.42 2.07
CA GLU A 95 0.79 20.50 3.30
C GLU A 95 0.58 21.80 4.07
N LEU A 96 0.26 22.90 3.36
CA LEU A 96 -0.09 24.14 4.05
C LEU A 96 -1.40 24.02 4.83
N LEU A 97 -2.39 23.32 4.27
CA LEU A 97 -3.62 23.07 5.00
C LEU A 97 -3.43 22.06 6.13
N ILE A 98 -2.43 21.19 6.01
CA ILE A 98 -2.06 20.33 7.14
C ILE A 98 -1.48 21.17 8.28
N GLN A 99 -0.56 22.10 7.96
CA GLN A 99 0.08 22.90 8.99
C GLN A 99 -0.86 23.94 9.59
N GLU A 100 -1.86 24.41 8.83
CA GLU A 100 -2.85 25.33 9.38
C GLU A 100 -3.69 24.69 10.47
N ASN A 101 -4.12 23.45 10.26
CA ASN A 101 -5.10 22.81 11.13
C ASN A 101 -4.47 21.94 12.20
N ASN A 102 -3.15 21.98 12.36
CA ASN A 102 -2.35 21.21 13.34
C ASN A 102 -2.50 19.71 13.17
N LEU A 103 -2.78 19.24 11.95
CA LEU A 103 -2.99 17.84 11.64
C LEU A 103 -1.71 17.07 11.35
N HIS A 104 -0.54 17.65 11.67
CA HIS A 104 0.75 17.09 11.28
C HIS A 104 1.04 15.73 11.88
N GLU A 105 0.58 15.48 13.11
CA GLU A 105 0.84 14.22 13.78
C GLU A 105 -0.32 13.24 13.72
N ASN A 106 -1.42 13.59 13.06
CA ASN A 106 -2.58 12.71 12.98
C ASN A 106 -2.65 11.93 11.67
N ILE A 107 -2.18 12.50 10.57
CA ILE A 107 -2.30 11.90 9.25
C ILE A 107 -0.93 11.36 8.88
N LEU A 108 -0.86 10.06 8.59
CA LEU A 108 0.40 9.33 8.62
C LEU A 108 0.83 8.78 7.27
N ALA A 109 -0.10 8.28 6.47
CA ALA A 109 0.26 7.58 5.24
C ALA A 109 0.53 8.56 4.12
N PHE A 110 1.45 8.18 3.23
CA PHE A 110 1.78 8.80 1.94
C PHE A 110 2.41 10.19 2.06
N ARG A 111 2.72 10.66 3.26
CA ARG A 111 3.42 11.93 3.46
C ARG A 111 4.90 11.70 3.70
N SER A 112 5.73 12.59 3.14
CA SER A 112 7.19 12.51 3.26
C SER A 112 7.60 13.05 4.63
N LEU A 113 7.53 12.17 5.63
CA LEU A 113 7.78 12.54 7.01
C LEU A 113 9.11 12.05 7.55
N ASN A 114 9.90 11.32 6.72
CA ASN A 114 11.13 10.60 7.09
C ASN A 114 10.89 9.61 8.24
N LYS A 115 9.72 8.97 8.27
CA LYS A 115 9.36 8.02 9.30
C LYS A 115 8.75 6.78 8.67
N SER A 116 8.85 5.66 9.38
CA SER A 116 8.34 4.38 8.93
C SER A 116 7.22 3.92 9.85
N ASN A 117 6.71 2.71 9.60
CA ASN A 117 5.63 2.14 10.40
C ASN A 117 6.04 1.86 11.84
N ILE A 118 7.35 1.67 12.09
CA ILE A 118 7.85 1.41 13.44
C ILE A 118 7.66 2.62 14.33
N GLU A 119 7.99 3.81 13.82
CA GLU A 119 7.81 5.05 14.58
C GLU A 119 6.34 5.40 14.80
N PHE A 120 5.46 5.12 13.83
CA PHE A 120 4.05 5.38 14.00
C PHE A 120 3.42 4.46 15.05
N ALA A 121 3.77 3.17 15.01
CA ALA A 121 3.26 2.23 16.00
C ALA A 121 3.84 2.51 17.38
N LYS A 122 5.10 2.94 17.44
CA LYS A 122 5.72 3.37 18.69
C LYS A 122 5.02 4.58 19.29
N ARG A 123 4.64 5.56 18.45
CA ARG A 123 3.91 6.74 18.94
C ARG A 123 2.53 6.37 19.48
N ALA A 124 1.83 5.44 18.81
CA ALA A 124 0.53 4.98 19.30
C ALA A 124 0.64 4.24 20.63
N PHE A 125 1.65 3.38 20.76
CA PHE A 125 1.80 2.62 22.00
C PHE A 125 2.31 3.51 23.14
N ASP A 126 3.03 4.55 22.88
CA ASP A 126 3.45 5.52 23.92
C ASP A 126 2.28 6.40 24.37
N THR A 127 1.28 6.66 23.53
CA THR A 127 0.06 7.42 23.90
C THR A 127 -0.76 6.60 24.88
N ILE A 128 -0.93 5.31 24.62
CA ILE A 128 -1.65 4.41 25.57
C ILE A 128 -0.80 4.37 26.81
N THR A 129 0.52 4.30 26.67
CA THR A 129 1.30 4.22 27.90
C THR A 129 1.16 5.46 28.78
N GLU A 130 1.24 6.66 28.19
CA GLU A 130 1.01 7.90 28.94
C GLU A 130 -0.41 8.02 29.43
N MET A 131 -1.39 7.58 28.63
CA MET A 131 -2.77 7.85 28.98
C MET A 131 -3.29 6.92 30.08
N GLY A 132 -2.63 5.79 30.31
CA GLY A 132 -3.03 4.93 31.42
C GLY A 132 -4.20 4.05 31.05
N GLU A 133 -5.19 3.98 31.93
CA GLU A 133 -6.37 3.17 31.67
C GLU A 133 -7.25 3.87 30.64
N CYS A 134 -7.44 3.21 29.50
CA CYS A 134 -8.07 3.80 28.33
C CYS A 134 -8.48 2.67 27.41
N SER A 135 -9.13 3.03 26.30
CA SER A 135 -9.53 2.06 25.29
C SER A 135 -9.00 2.48 23.92
N ALA A 136 -8.70 1.48 23.11
CA ALA A 136 -8.28 1.66 21.73
C ALA A 136 -9.38 1.14 20.80
N VAL A 137 -9.88 2.00 19.92
CA VAL A 137 -10.93 1.64 18.97
C VAL A 137 -10.33 1.68 17.57
N ALA A 138 -10.37 0.56 16.88
CA ALA A 138 -9.79 0.44 15.53
C ALA A 138 -10.91 0.28 14.50
N LEU A 139 -10.89 1.13 13.49
CA LEU A 139 -11.91 1.15 12.45
C LEU A 139 -11.25 1.04 11.07
N ASP A 140 -12.00 0.50 10.12
CA ASP A 140 -11.53 0.32 8.75
C ASP A 140 -12.61 0.78 7.78
N LEU A 141 -12.20 1.51 6.74
CA LEU A 141 -13.12 1.94 5.71
C LEU A 141 -13.34 0.82 4.69
N SER A 142 -14.59 0.68 4.26
CA SER A 142 -14.94 -0.38 3.30
C SER A 142 -14.78 0.11 1.87
N GLY A 143 -13.90 -0.55 1.12
CA GLY A 143 -13.67 -0.29 -0.30
C GLY A 143 -13.28 1.13 -0.64
N PHE A 144 -12.18 1.60 -0.04
CA PHE A 144 -11.88 3.03 0.11
C PHE A 144 -11.69 3.72 -1.24
N PHE A 145 -10.74 3.26 -2.05
CA PHE A 145 -10.46 3.91 -3.34
C PHE A 145 -11.56 3.68 -4.35
N ASP A 146 -12.33 2.61 -4.22
CA ASP A 146 -13.39 2.31 -5.17
C ASP A 146 -14.67 3.08 -4.92
N ASN A 147 -14.78 3.77 -3.78
CA ASN A 147 -16.04 4.41 -3.39
C ASN A 147 -15.96 5.93 -3.24
N LEU A 148 -14.86 6.56 -3.62
CA LEU A 148 -14.76 8.02 -3.58
C LEU A 148 -15.72 8.67 -4.57
N ASP A 149 -16.65 9.46 -4.05
CA ASP A 149 -17.65 10.14 -4.88
C ASP A 149 -16.97 11.29 -5.61
N HIS A 150 -17.30 11.47 -6.89
CA HIS A 150 -16.54 12.35 -7.77
C HIS A 150 -16.80 13.83 -7.50
N GLN A 151 -18.02 14.20 -7.07
CA GLN A 151 -18.30 15.60 -6.80
C GLN A 151 -17.64 16.08 -5.51
N ILE A 152 -17.57 15.21 -4.49
CA ILE A 152 -16.87 15.53 -3.25
C ILE A 152 -15.37 15.66 -3.51
N LEU A 153 -14.82 14.81 -4.38
CA LEU A 153 -13.41 14.91 -4.76
C LEU A 153 -13.12 16.19 -5.53
N LYS A 154 -14.05 16.59 -6.40
CA LYS A 154 -13.93 17.86 -7.13
C LYS A 154 -13.97 19.06 -6.19
N HIS A 155 -14.86 19.03 -5.20
CA HIS A 155 -14.96 20.10 -4.22
C HIS A 155 -13.72 20.20 -3.34
N GLN A 156 -13.19 19.06 -2.89
CA GLN A 156 -11.96 19.06 -2.09
C GLN A 156 -10.75 19.50 -2.91
N TRP A 157 -10.73 19.17 -4.21
CA TRP A 157 -9.65 19.59 -5.09
C TRP A 157 -9.67 21.11 -5.29
N CYS A 158 -10.84 21.72 -5.39
CA CYS A 158 -10.95 23.20 -5.52
C CYS A 158 -10.52 23.92 -4.23
N LYS A 159 -10.83 23.38 -3.04
CA LYS A 159 -10.36 23.98 -1.77
C LYS A 159 -8.84 23.89 -1.64
N VAL A 160 -8.22 22.76 -1.91
CA VAL A 160 -6.74 22.67 -1.86
C VAL A 160 -6.15 23.68 -2.83
N ILE A 161 -6.65 23.74 -4.07
CA ILE A 161 -6.01 24.75 -4.92
C ILE A 161 -6.55 26.15 -4.69
N GLY A 162 -7.67 26.30 -4.00
CA GLY A 162 -8.17 27.60 -3.59
C GLY A 162 -8.88 28.40 -4.66
N THR A 163 -9.73 27.74 -5.46
CA THR A 163 -10.47 28.38 -6.52
C THR A 163 -11.94 28.03 -6.41
N GLU A 164 -12.77 28.72 -7.19
CA GLU A 164 -14.19 28.36 -7.29
C GLU A 164 -14.39 27.12 -8.16
N ALA A 165 -13.66 27.04 -9.28
CA ALA A 165 -13.77 25.93 -10.21
C ALA A 165 -12.37 25.52 -10.63
N LEU A 166 -12.25 24.30 -11.14
CA LEU A 166 -10.96 23.79 -11.60
C LEU A 166 -10.52 24.46 -12.89
N PRO A 167 -9.25 24.85 -13.02
CA PRO A 167 -8.72 25.25 -14.33
C PRO A 167 -8.69 24.09 -15.31
N GLN A 168 -8.47 24.46 -16.58
CA GLN A 168 -8.73 23.56 -17.72
C GLN A 168 -7.80 22.36 -17.73
N ASP A 169 -6.52 22.54 -17.43
CA ASP A 169 -5.60 21.41 -17.35
C ASP A 169 -5.87 20.53 -16.13
N HIS A 170 -6.21 21.15 -14.99
CA HIS A 170 -6.65 20.40 -13.82
C HIS A 170 -7.94 19.65 -14.08
N PHE A 171 -8.86 20.26 -14.83
CA PHE A 171 -10.13 19.62 -15.13
C PHE A 171 -9.97 18.46 -16.10
N ALA A 172 -9.02 18.58 -17.05
CA ALA A 172 -8.71 17.47 -17.94
C ALA A 172 -8.11 16.28 -17.18
N ILE A 173 -7.24 16.56 -16.20
CA ILE A 173 -6.66 15.50 -15.38
C ILE A 173 -7.73 14.85 -14.49
N TYR A 174 -8.61 15.67 -13.91
CA TYR A 174 -9.74 15.17 -13.12
C TYR A 174 -10.68 14.30 -13.94
N LYS A 175 -10.95 14.68 -15.20
CA LYS A 175 -11.74 13.85 -16.10
C LYS A 175 -11.09 12.51 -16.37
N SER A 176 -9.77 12.52 -16.61
CA SER A 176 -9.08 11.26 -16.89
C SER A 176 -8.99 10.37 -15.66
N ILE A 177 -8.94 10.95 -14.46
CA ILE A 177 -8.76 10.12 -13.27
C ILE A 177 -10.09 9.67 -12.66
N THR A 178 -11.20 10.35 -12.95
CA THR A 178 -12.47 9.92 -12.38
C THR A 178 -13.25 9.02 -13.33
N ARG A 179 -13.59 9.53 -14.52
CA ARG A 179 -14.24 8.71 -15.55
C ARG A 179 -13.16 8.04 -16.40
N TYR A 180 -12.46 7.11 -15.77
CA TYR A 180 -11.30 6.49 -16.38
C TYR A 180 -11.72 5.30 -17.23
N SER A 181 -10.82 4.91 -18.13
CA SER A 181 -11.03 3.76 -18.99
C SER A 181 -9.85 2.82 -18.85
N LYS A 182 -10.13 1.52 -18.92
CA LYS A 182 -9.11 0.51 -18.66
C LYS A 182 -9.26 -0.66 -19.63
N VAL A 183 -8.14 -1.32 -19.88
CA VAL A 183 -8.07 -2.51 -20.74
C VAL A 183 -7.46 -3.63 -19.91
N ASP A 184 -8.08 -4.80 -19.94
CA ASP A 184 -7.60 -5.96 -19.20
C ASP A 184 -6.35 -6.47 -19.91
N LYS A 185 -5.28 -6.66 -19.13
CA LYS A 185 -3.95 -6.95 -19.68
C LYS A 185 -3.90 -8.33 -20.36
N ASN A 186 -4.56 -9.32 -19.75
CA ASN A 186 -4.54 -10.68 -20.27
C ASN A 186 -5.30 -10.78 -21.59
N ARG A 187 -6.42 -10.08 -21.71
CA ARG A 187 -7.19 -10.08 -22.96
C ARG A 187 -6.42 -9.40 -24.09
N ALA A 188 -5.71 -8.32 -23.76
CA ALA A 188 -4.86 -7.64 -24.73
C ALA A 188 -3.73 -8.54 -25.22
N TYR A 189 -3.11 -9.28 -24.29
CA TYR A 189 -2.04 -10.20 -24.68
C TYR A 189 -2.56 -11.39 -25.48
N GLU A 190 -3.77 -11.87 -25.18
CA GLU A 190 -4.37 -12.95 -25.97
C GLU A 190 -4.71 -12.50 -27.38
N ILE A 191 -5.34 -11.32 -27.52
CA ILE A 191 -5.76 -10.85 -28.83
C ILE A 191 -4.57 -10.44 -29.69
N LEU A 192 -3.59 -9.77 -29.10
CA LEU A 192 -2.42 -9.37 -29.88
C LEU A 192 -1.42 -10.50 -30.10
N GLY A 193 -1.63 -11.68 -29.51
CA GLY A 193 -0.72 -12.78 -29.68
C GLY A 193 0.60 -12.62 -28.94
N ILE A 194 0.57 -12.05 -27.76
CA ILE A 194 1.76 -11.83 -26.94
C ILE A 194 1.82 -12.95 -25.90
N SER A 195 3.00 -13.55 -25.76
CA SER A 195 3.21 -14.60 -24.77
C SER A 195 3.16 -14.03 -23.37
N LYS A 196 2.35 -14.63 -22.50
CA LYS A 196 2.28 -14.22 -21.10
C LYS A 196 3.53 -14.60 -20.32
N ASN A 197 4.33 -15.53 -20.83
CA ASN A 197 5.55 -15.97 -20.17
C ASN A 197 6.75 -15.10 -20.52
N ASN A 198 6.76 -14.47 -21.68
CA ASN A 198 7.86 -13.59 -22.06
C ASN A 198 7.36 -12.42 -22.92
N PRO A 199 6.75 -11.37 -22.35
CA PRO A 199 6.21 -10.29 -23.19
C PRO A 199 7.21 -9.27 -23.74
N LYS A 200 8.26 -8.95 -23.02
CA LYS A 200 9.19 -7.89 -23.47
C LYS A 200 10.11 -8.40 -24.57
N TYR A 201 9.85 -9.56 -25.15
CA TYR A 201 10.75 -10.15 -26.17
C TYR A 201 10.58 -9.52 -27.56
N ASN A 202 11.59 -8.80 -28.02
CA ASN A 202 11.60 -8.14 -29.34
C ASN A 202 10.47 -7.14 -29.53
N ARG A 203 10.04 -6.50 -28.44
CA ARG A 203 9.11 -5.38 -28.54
C ARG A 203 9.39 -4.44 -27.38
N ARG A 204 9.09 -3.15 -27.61
CA ARG A 204 9.28 -2.10 -26.61
C ARG A 204 7.98 -1.43 -26.22
N LYS A 205 6.91 -1.67 -26.97
CA LYS A 205 5.57 -1.22 -26.61
C LYS A 205 4.66 -2.42 -26.89
N ILE A 206 3.42 -2.44 -26.43
CA ILE A 206 2.53 -3.61 -26.58
C ILE A 206 2.16 -3.75 -28.04
N CYS A 207 1.85 -2.65 -28.71
CA CYS A 207 1.40 -2.74 -30.12
C CYS A 207 1.58 -1.42 -30.85
N THR A 208 1.31 -1.39 -32.14
CA THR A 208 1.32 -0.18 -32.94
C THR A 208 0.02 0.60 -32.70
N PRO A 209 -0.02 1.92 -33.01
CA PRO A 209 -1.30 2.66 -32.89
C PRO A 209 -2.42 2.15 -33.78
N VAL A 210 -2.08 1.63 -34.97
CA VAL A 210 -3.07 0.99 -35.83
C VAL A 210 -3.60 -0.28 -35.18
N ASP A 211 -2.72 -1.06 -34.55
CA ASP A 211 -3.15 -2.27 -33.85
C ASP A 211 -3.97 -1.96 -32.61
N PHE A 212 -3.67 -0.85 -31.93
CA PHE A 212 -4.51 -0.39 -30.82
C PHE A 212 -5.90 -0.04 -31.31
N ARG A 213 -5.98 0.82 -32.34
CA ARG A 213 -7.27 1.34 -32.81
C ARG A 213 -8.12 0.26 -33.46
N ASN A 214 -7.50 -0.73 -34.11
CA ASN A 214 -8.29 -1.78 -34.74
C ASN A 214 -8.54 -2.96 -33.81
N LYS A 215 -7.53 -3.50 -33.14
CA LYS A 215 -7.72 -4.73 -32.38
C LYS A 215 -8.16 -4.49 -30.94
N ILE A 216 -7.82 -3.36 -30.34
CA ILE A 216 -8.20 -3.13 -28.95
C ILE A 216 -9.59 -2.52 -28.87
N ARG A 217 -9.81 -1.40 -29.56
CA ARG A 217 -11.04 -0.65 -29.39
C ARG A 217 -12.22 -1.34 -30.07
N LYS A 218 -12.03 -1.85 -31.30
CA LYS A 218 -13.14 -2.42 -32.04
C LYS A 218 -13.56 -3.79 -31.52
N ASN A 219 -12.73 -4.45 -30.72
CA ASN A 219 -13.15 -5.70 -30.07
C ASN A 219 -13.85 -5.47 -28.75
N GLY A 220 -14.02 -4.22 -28.32
CA GLY A 220 -14.74 -3.93 -27.09
C GLY A 220 -13.93 -4.10 -25.82
N LEU A 221 -12.60 -3.95 -25.90
CA LEU A 221 -11.72 -4.18 -24.76
C LEU A 221 -11.60 -2.98 -23.83
N ILE A 222 -12.11 -1.82 -24.20
CA ILE A 222 -12.01 -0.64 -23.36
C ILE A 222 -13.29 -0.52 -22.53
N ILE A 223 -13.13 -0.48 -21.21
CA ILE A 223 -14.24 -0.45 -20.26
C ILE A 223 -14.17 0.86 -19.48
N VAL A 224 -15.26 1.62 -19.50
CA VAL A 224 -15.30 2.98 -18.99
C VAL A 224 -16.07 2.99 -17.67
N ASN A 225 -15.52 3.69 -16.67
CA ASN A 225 -16.17 3.87 -15.39
C ASN A 225 -17.30 4.89 -15.51
N ASN A 226 -18.51 4.41 -15.80
CA ASN A 226 -19.67 5.29 -15.93
C ASN A 226 -20.44 5.46 -14.63
N SER A 227 -20.04 4.79 -13.56
CA SER A 227 -20.61 5.09 -12.26
C SER A 227 -20.05 6.39 -11.72
N GLN A 228 -20.73 6.95 -10.72
CA GLN A 228 -20.36 8.25 -10.19
C GLN A 228 -19.30 8.18 -9.08
N LYS A 229 -18.55 7.09 -8.98
CA LYS A 229 -17.63 6.91 -7.87
C LYS A 229 -16.44 6.07 -8.30
N GLY A 230 -15.33 6.22 -7.58
CA GLY A 230 -14.15 5.39 -7.69
C GLY A 230 -13.03 6.05 -8.48
N ILE A 231 -11.80 5.81 -8.03
CA ILE A 231 -10.57 6.21 -8.73
C ILE A 231 -9.67 4.98 -8.80
N PRO A 232 -8.76 4.90 -9.79
CA PRO A 232 -7.94 3.69 -9.90
C PRO A 232 -6.80 3.64 -8.89
N GLN A 233 -6.54 2.44 -8.35
CA GLN A 233 -5.35 2.17 -7.56
C GLN A 233 -4.20 1.82 -8.51
N GLY A 234 -3.08 2.53 -8.39
CA GLY A 234 -1.94 2.30 -9.25
C GLY A 234 -1.52 3.50 -10.06
N SER A 235 -2.23 4.59 -9.99
CA SER A 235 -1.78 5.84 -10.57
C SER A 235 -0.82 6.54 -9.59
N PRO A 236 0.11 7.36 -10.09
CA PRO A 236 0.95 8.14 -9.18
C PRO A 236 0.25 9.26 -8.42
N ILE A 237 -1.01 9.57 -8.71
CA ILE A 237 -1.71 10.69 -8.09
C ILE A 237 -2.76 10.21 -7.08
N SER A 238 -3.11 8.92 -7.07
CA SER A 238 -4.30 8.42 -6.38
C SER A 238 -4.21 8.46 -4.86
N ALA A 239 -3.03 8.20 -4.28
CA ALA A 239 -2.87 8.19 -2.83
C ALA A 239 -3.00 9.59 -2.25
N LEU A 240 -2.47 10.58 -2.96
CA LEU A 240 -2.62 11.98 -2.57
C LEU A 240 -4.07 12.43 -2.64
N LEU A 241 -4.80 11.98 -3.67
CA LEU A 241 -6.21 12.31 -3.80
C LEU A 241 -7.05 11.65 -2.71
N SER A 242 -6.64 10.44 -2.28
CA SER A 242 -7.29 9.81 -1.13
C SER A 242 -7.03 10.57 0.16
N ASN A 243 -5.84 11.17 0.31
CA ASN A 243 -5.61 12.02 1.48
C ASN A 243 -6.39 13.33 1.41
N ILE A 244 -6.50 13.92 0.22
CA ILE A 244 -7.20 15.19 0.04
C ILE A 244 -8.70 15.05 0.31
N TYR A 245 -9.27 13.92 -0.13
CA TYR A 245 -10.70 13.62 0.05
C TYR A 245 -11.13 13.59 1.51
N MET A 246 -10.23 13.19 2.41
CA MET A 246 -10.58 12.92 3.80
C MET A 246 -10.31 14.08 4.75
N LEU A 247 -9.88 15.24 4.25
CA LEU A 247 -9.27 16.29 5.07
C LEU A 247 -10.24 16.91 6.08
N ASP A 248 -11.44 17.27 5.62
CA ASP A 248 -12.42 17.91 6.50
C ASP A 248 -12.96 16.93 7.53
N PHE A 249 -13.03 15.66 7.15
CA PHE A 249 -13.42 14.60 8.08
C PHE A 249 -12.30 14.34 9.09
N ASP A 250 -11.05 14.53 8.69
CA ASP A 250 -9.93 14.43 9.64
C ASP A 250 -9.95 15.55 10.66
N ILE A 251 -10.32 16.76 10.22
CA ILE A 251 -10.49 17.89 11.15
C ILE A 251 -11.62 17.60 12.15
N GLU A 252 -12.74 17.08 11.64
CA GLU A 252 -13.88 16.74 12.49
C GLU A 252 -13.56 15.61 13.48
N MET A 253 -12.84 14.58 13.03
CA MET A 253 -12.47 13.47 13.92
C MET A 253 -11.42 13.86 14.95
N ARG A 254 -10.47 14.76 14.59
CA ARG A 254 -9.54 15.27 15.60
C ARG A 254 -10.26 16.08 16.65
N ASP A 255 -11.24 16.91 16.23
CA ASP A 255 -12.05 17.67 17.19
C ASP A 255 -12.87 16.75 18.09
N TYR A 256 -13.46 15.70 17.52
CA TYR A 256 -14.27 14.74 18.29
C TYR A 256 -13.41 14.00 19.32
N ALA A 257 -12.20 13.58 18.94
CA ALA A 257 -11.34 12.91 19.90
C ALA A 257 -10.80 13.88 20.94
N GLN A 258 -10.54 15.13 20.54
CA GLN A 258 -9.92 16.09 21.45
C GLN A 258 -10.92 16.63 22.48
N GLU A 259 -12.22 16.68 22.12
CA GLU A 259 -13.26 17.04 23.10
C GLU A 259 -13.32 16.06 24.27
N ARG A 260 -13.11 14.78 23.98
CA ARG A 260 -13.20 13.71 24.97
C ARG A 260 -11.87 13.36 25.61
N GLY A 261 -10.85 14.19 25.43
CA GLY A 261 -9.55 13.93 26.02
C GLY A 261 -8.78 12.81 25.39
N GLY A 262 -8.95 12.58 24.08
CA GLY A 262 -8.35 11.47 23.40
C GLY A 262 -7.45 11.88 22.26
N HIS A 263 -7.13 10.90 21.41
CA HIS A 263 -6.18 11.07 20.31
C HIS A 263 -6.69 10.32 19.08
N TYR A 264 -6.30 10.81 17.90
CA TYR A 264 -6.79 10.27 16.63
C TYR A 264 -5.61 10.05 15.68
N TYR A 265 -5.60 8.89 15.03
CA TYR A 265 -4.59 8.58 14.02
C TYR A 265 -5.26 7.92 12.83
N ARG A 266 -4.82 8.27 11.62
CA ARG A 266 -5.29 7.60 10.41
C ARG A 266 -4.12 7.28 9.49
N TYR A 267 -4.07 6.03 9.03
CA TYR A 267 -3.08 5.57 8.04
C TYR A 267 -3.92 4.94 6.93
N CYS A 268 -4.08 5.68 5.82
CA CYS A 268 -4.92 5.35 4.67
C CYS A 268 -6.37 5.14 5.11
N ASP A 269 -6.86 3.91 5.03
CA ASP A 269 -8.21 3.58 5.49
C ASP A 269 -8.23 2.96 6.88
N ASP A 270 -7.09 2.95 7.60
CA ASP A 270 -7.00 2.36 8.92
C ASP A 270 -6.97 3.46 9.97
N MET A 271 -7.95 3.47 10.87
CA MET A 271 -8.13 4.53 11.86
C MET A 271 -7.99 3.96 13.27
N LEU A 272 -7.35 4.74 14.15
CA LEU A 272 -7.19 4.35 15.56
C LEU A 272 -7.63 5.50 16.45
N PHE A 273 -8.58 5.22 17.35
CA PHE A 273 -8.99 6.16 18.38
C PHE A 273 -8.54 5.64 19.74
N ILE A 274 -7.86 6.48 20.51
CA ILE A 274 -7.46 6.17 21.88
C ILE A 274 -8.20 7.13 22.80
N VAL A 275 -9.17 6.61 23.53
CA VAL A 275 -10.15 7.41 24.28
C VAL A 275 -10.29 6.84 25.69
N PRO A 276 -10.81 7.62 26.64
CA PRO A 276 -11.23 7.02 27.92
C PRO A 276 -12.36 6.01 27.74
N THR A 277 -12.42 5.06 28.69
CA THR A 277 -13.13 3.79 28.51
C THR A 277 -14.65 3.99 28.44
N LYS A 278 -15.18 5.02 29.09
CA LYS A 278 -16.62 5.30 29.10
C LYS A 278 -17.19 5.67 27.74
N TYR A 279 -16.34 6.09 26.78
CA TYR A 279 -16.80 6.44 25.44
C TYR A 279 -16.71 5.30 24.43
N ASN A 280 -16.11 4.16 24.80
CA ASN A 280 -15.74 3.15 23.81
C ASN A 280 -16.92 2.39 23.19
N LYS A 281 -18.08 2.37 23.84
CA LYS A 281 -19.23 1.72 23.23
C LYS A 281 -20.01 2.64 22.30
N THR A 282 -19.95 3.95 22.54
CA THR A 282 -20.68 4.87 21.67
C THR A 282 -19.96 5.13 20.35
N LEU A 283 -18.62 5.01 20.34
CA LEU A 283 -17.77 5.74 19.39
C LEU A 283 -17.98 5.30 17.94
N ALA A 284 -18.13 4.00 17.70
CA ALA A 284 -18.30 3.48 16.34
C ALA A 284 -19.60 3.96 15.69
N GLY A 285 -20.65 4.16 16.48
CA GLY A 285 -21.88 4.70 15.95
C GLY A 285 -21.81 6.20 15.68
N ASP A 286 -21.07 6.94 16.51
CA ASP A 286 -20.84 8.35 16.23
C ASP A 286 -19.99 8.55 14.98
N VAL A 287 -18.99 7.70 14.76
CA VAL A 287 -18.17 7.83 13.56
C VAL A 287 -18.97 7.39 12.32
N ALA A 288 -19.82 6.39 12.45
CA ALA A 288 -20.64 5.93 11.31
C ALA A 288 -21.72 6.96 10.94
N GLN A 289 -22.09 7.82 11.86
CA GLN A 289 -23.11 8.86 11.60
C GLN A 289 -22.46 10.06 10.91
N ARG A 290 -21.22 10.41 11.25
CA ARG A 290 -20.57 11.64 10.72
C ARG A 290 -19.81 11.38 9.43
N ILE A 291 -19.79 10.16 8.91
CA ILE A 291 -19.01 9.80 7.69
C ILE A 291 -20.00 9.59 6.56
N LYS A 292 -21.29 9.79 6.81
CA LYS A 292 -22.33 9.55 5.79
C LYS A 292 -22.36 10.74 4.84
N HIS A 293 -21.72 11.84 5.21
CA HIS A 293 -21.59 13.03 4.35
C HIS A 293 -20.48 12.80 3.33
N LEU A 294 -19.70 11.74 3.51
CA LEU A 294 -18.54 11.47 2.61
C LEU A 294 -18.93 10.29 1.71
N LYS A 295 -20.07 9.66 1.95
CA LYS A 295 -20.61 8.59 1.09
C LYS A 295 -19.73 7.35 1.12
N VAL A 296 -18.95 7.19 2.19
CA VAL A 296 -18.17 5.99 2.39
C VAL A 296 -18.59 5.37 3.71
N GLU A 297 -18.41 4.06 3.83
CA GLU A 297 -18.94 3.31 4.96
C GLU A 297 -17.82 2.63 5.73
N LEU A 298 -18.03 2.49 7.04
CA LEU A 298 -17.19 1.64 7.84
C LEU A 298 -17.44 0.18 7.51
N ASN A 299 -16.38 -0.62 7.52
CA ASN A 299 -16.49 -2.07 7.42
C ASN A 299 -16.68 -2.54 8.86
N THR A 300 -17.94 -2.84 9.22
CA THR A 300 -18.28 -3.15 10.60
C THR A 300 -17.79 -4.53 11.07
N LYS A 301 -17.37 -5.39 10.15
CA LYS A 301 -16.76 -6.65 10.54
C LYS A 301 -15.34 -6.48 11.07
N LYS A 302 -14.67 -5.37 10.76
CA LYS A 302 -13.27 -5.17 11.09
C LYS A 302 -13.06 -4.29 12.32
N THR A 303 -14.14 -3.93 13.02
CA THR A 303 -14.01 -3.11 14.22
C THR A 303 -13.44 -3.93 15.37
N GLU A 304 -12.40 -3.42 16.00
CA GLU A 304 -11.76 -4.06 17.14
C GLU A 304 -11.72 -3.07 18.29
N ILE A 305 -12.17 -3.51 19.47
CA ILE A 305 -12.17 -2.69 20.67
C ILE A 305 -11.35 -3.40 21.75
N ARG A 306 -10.36 -2.69 22.29
CA ARG A 306 -9.48 -3.22 23.33
C ARG A 306 -9.54 -2.30 24.55
N ASP A 307 -9.34 -2.89 25.73
CA ASP A 307 -9.40 -2.16 26.99
C ASP A 307 -8.14 -2.45 27.81
N PHE A 308 -7.57 -1.39 28.39
CA PHE A 308 -6.34 -1.48 29.16
C PHE A 308 -6.62 -1.13 30.63
N ILE A 309 -6.24 -2.02 31.53
CA ILE A 309 -6.39 -1.81 32.98
C ILE A 309 -5.05 -2.07 33.65
N TYR A 310 -4.87 -1.52 34.85
CA TYR A 310 -3.73 -1.87 35.69
C TYR A 310 -4.01 -3.17 36.44
N LYS A 311 -3.17 -4.17 36.23
CA LYS A 311 -3.13 -5.37 37.06
C LYS A 311 -1.78 -5.37 37.74
N ASP A 312 -1.80 -5.37 39.08
CA ASP A 312 -0.72 -4.91 39.95
C ASP A 312 -0.26 -3.54 39.48
N SER A 313 1.03 -3.37 39.18
CA SER A 313 1.55 -2.11 38.67
C SER A 313 1.74 -2.12 37.15
N THR A 314 1.31 -3.18 36.47
CA THR A 314 1.56 -3.36 35.05
C THR A 314 0.25 -3.17 34.28
N LEU A 315 0.29 -2.34 33.24
CA LEU A 315 -0.87 -2.14 32.38
C LEU A 315 -1.11 -3.39 31.53
N VAL A 316 -2.33 -3.92 31.57
CA VAL A 316 -2.68 -5.20 30.95
C VAL A 316 -3.89 -5.00 30.05
N ALA A 317 -3.83 -5.52 28.82
CA ALA A 317 -4.95 -5.48 27.89
C ALA A 317 -5.73 -6.78 27.93
N ASN A 318 -7.04 -6.68 27.69
CA ASN A 318 -7.90 -7.86 27.71
C ASN A 318 -7.66 -8.76 26.50
N MET A 319 -7.38 -8.19 25.34
CA MET A 319 -6.80 -8.89 24.20
C MET A 319 -5.72 -7.99 23.62
N PRO A 320 -4.71 -8.56 22.95
CA PRO A 320 -3.67 -7.70 22.35
C PRO A 320 -4.15 -6.88 21.17
N LEU A 321 -3.61 -5.66 21.07
CA LEU A 321 -3.91 -4.74 20.00
C LEU A 321 -2.91 -4.91 18.86
N GLN A 322 -3.43 -5.16 17.66
CA GLN A 322 -2.59 -5.16 16.46
C GLN A 322 -2.64 -3.76 15.84
N TYR A 323 -1.48 -3.23 15.49
CA TYR A 323 -1.41 -1.93 14.83
C TYR A 323 -0.14 -1.84 14.00
N LEU A 324 -0.31 -1.73 12.67
CA LEU A 324 0.75 -1.48 11.68
C LEU A 324 1.88 -2.51 11.71
N GLY A 325 1.53 -3.77 11.92
CA GLY A 325 2.51 -4.84 11.90
C GLY A 325 3.04 -5.27 13.25
N PHE A 326 2.54 -4.69 14.34
CA PHE A 326 3.04 -5.00 15.68
C PHE A 326 1.88 -5.37 16.59
N ILE A 327 2.21 -6.00 17.70
CA ILE A 327 1.25 -6.47 18.69
C ILE A 327 1.64 -5.93 20.06
N PHE A 328 0.67 -5.34 20.76
CA PHE A 328 0.94 -4.66 22.03
C PHE A 328 -0.08 -5.13 23.06
N ASP A 329 0.41 -5.62 24.20
CA ASP A 329 -0.44 -6.13 25.27
C ASP A 329 -0.45 -5.25 26.51
N GLY A 330 0.14 -4.07 26.44
CA GLY A 330 0.24 -3.17 27.57
C GLY A 330 1.66 -2.94 28.05
N SER A 331 2.52 -3.97 27.97
CA SER A 331 3.92 -3.79 28.34
C SER A 331 4.86 -4.29 27.25
N ASN A 332 4.50 -5.38 26.57
CA ASN A 332 5.37 -6.01 25.59
C ASN A 332 4.94 -5.67 24.17
N ILE A 333 5.93 -5.49 23.30
CA ILE A 333 5.70 -5.27 21.88
C ILE A 333 6.31 -6.43 21.10
N LEU A 334 5.50 -7.06 20.24
CA LEU A 334 5.89 -8.17 19.39
C LEU A 334 5.64 -7.83 17.94
N LEU A 335 6.32 -8.54 17.04
CA LEU A 335 5.95 -8.55 15.63
C LEU A 335 4.66 -9.33 15.43
N ARG A 336 3.97 -9.04 14.33
CA ARG A 336 2.85 -9.86 13.89
C ARG A 336 3.30 -11.28 13.60
N SER A 337 2.43 -12.25 13.90
CA SER A 337 2.77 -13.64 13.60
C SER A 337 2.72 -13.94 12.11
N SER A 338 1.93 -13.18 11.36
CA SER A 338 1.80 -13.42 9.92
C SER A 338 3.03 -12.95 9.13
N SER A 339 3.77 -11.96 9.64
CA SER A 339 5.01 -11.55 8.97
C SER A 339 6.09 -12.61 9.11
N LEU A 340 6.18 -13.22 10.29
CA LEU A 340 7.12 -14.32 10.50
C LEU A 340 6.70 -15.57 9.75
N ALA A 341 5.39 -15.79 9.61
CA ALA A 341 4.88 -16.89 8.77
C ALA A 341 5.25 -16.69 7.31
N ARG A 342 5.10 -15.46 6.81
CA ARG A 342 5.45 -15.10 5.44
C ARG A 342 6.95 -15.27 5.17
N TYR A 343 7.78 -14.88 6.14
CA TYR A 343 9.22 -15.13 6.06
C TYR A 343 9.54 -16.62 5.98
N SER A 344 8.83 -17.44 6.78
CA SER A 344 9.07 -18.88 6.78
C SER A 344 8.73 -19.53 5.44
N GLU A 345 7.61 -19.13 4.82
CA GLU A 345 7.24 -19.67 3.51
C GLU A 345 8.23 -19.25 2.42
N ARG A 346 8.69 -17.99 2.44
CA ARG A 346 9.67 -17.52 1.47
C ARG A 346 11.01 -18.24 1.62
N MET A 347 11.43 -18.48 2.87
CA MET A 347 12.70 -19.17 3.14
C MET A 347 12.65 -20.63 2.66
N LYS A 348 11.53 -21.32 2.93
CA LYS A 348 11.40 -22.71 2.51
C LYS A 348 11.34 -22.87 0.99
N ARG A 349 10.65 -21.94 0.30
CA ARG A 349 10.65 -21.97 -1.17
C ARG A 349 12.04 -21.70 -1.74
N GLY A 350 12.80 -20.78 -1.13
CA GLY A 350 14.15 -20.50 -1.60
C GLY A 350 15.11 -21.66 -1.44
N VAL A 351 15.04 -22.35 -0.30
CA VAL A 351 15.90 -23.52 -0.06
C VAL A 351 15.52 -24.68 -0.98
N ARG A 352 14.23 -24.89 -1.21
CA ARG A 352 13.77 -25.95 -2.12
C ARG A 352 14.18 -25.68 -3.57
N LEU A 353 14.13 -24.41 -4.01
CA LEU A 353 14.60 -24.06 -5.35
C LEU A 353 16.11 -24.21 -5.49
N ALA A 354 16.88 -23.89 -4.43
CA ALA A 354 18.33 -24.07 -4.46
C ALA A 354 18.71 -25.55 -4.57
N LYS A 355 17.99 -26.42 -3.86
CA LYS A 355 18.24 -27.87 -3.96
C LYS A 355 17.88 -28.41 -5.35
N ALA A 356 16.79 -27.90 -5.95
CA ALA A 356 16.43 -28.29 -7.32
C ALA A 356 17.50 -27.88 -8.34
N THR A 357 18.08 -26.69 -8.18
CA THR A 357 19.14 -26.25 -9.09
C THR A 357 20.43 -27.05 -8.88
N MET A 358 20.73 -27.41 -7.62
CA MET A 358 21.84 -28.30 -7.29
C MET A 358 21.72 -29.66 -7.98
N ASP A 359 20.52 -30.25 -7.93
CA ASP A 359 20.26 -31.55 -8.58
C ASP A 359 20.38 -31.43 -10.10
N SER A 360 19.84 -30.34 -10.66
CA SER A 360 19.89 -30.08 -12.10
C SER A 360 21.32 -29.97 -12.63
N LYS A 361 22.19 -29.26 -11.91
CA LYS A 361 23.56 -29.17 -12.39
C LYS A 361 24.41 -30.39 -12.04
N ASN A 362 24.07 -31.15 -10.99
CA ASN A 362 24.78 -32.39 -10.71
C ASN A 362 24.53 -33.46 -11.79
N ARG A 363 23.33 -33.46 -12.38
CA ARG A 363 23.09 -34.35 -13.52
C ARG A 363 24.01 -34.03 -14.71
N ILE A 364 24.23 -32.74 -14.96
CA ILE A 364 25.10 -32.29 -16.05
C ILE A 364 26.56 -32.63 -15.74
N ARG A 365 26.98 -32.51 -14.47
CA ARG A 365 28.34 -32.90 -14.09
C ARG A 365 28.55 -34.41 -14.21
N GLU A 366 27.52 -35.22 -13.92
CA GLU A 366 27.61 -36.66 -14.18
C GLU A 366 27.73 -36.96 -15.66
N ASN A 367 26.98 -36.24 -16.49
CA ASN A 367 26.95 -36.52 -17.93
C ASN A 367 28.30 -36.21 -18.60
N LYS A 368 28.97 -35.14 -18.19
CA LYS A 368 30.21 -34.72 -18.83
C LYS A 368 31.46 -35.12 -18.05
N GLY A 369 31.33 -36.03 -17.09
CA GLY A 369 32.50 -36.57 -16.40
C GLY A 369 33.19 -35.63 -15.45
N GLU A 370 32.44 -34.90 -14.63
CA GLU A 370 32.99 -34.01 -13.64
C GLU A 370 32.52 -34.42 -12.25
N ALA A 371 33.32 -34.08 -11.24
CA ALA A 371 32.99 -34.39 -9.87
C ALA A 371 31.82 -33.56 -9.37
N LEU A 372 30.97 -34.16 -8.55
CA LEU A 372 29.79 -33.50 -8.03
C LEU A 372 30.17 -32.45 -6.98
N LYS A 373 29.28 -31.46 -6.82
CA LYS A 373 29.48 -30.38 -5.88
C LYS A 373 28.30 -30.29 -4.92
N ALA A 374 28.55 -29.73 -3.74
CA ALA A 374 27.53 -29.56 -2.72
C ALA A 374 26.68 -28.33 -3.00
N LEU A 375 25.81 -28.00 -2.05
CA LEU A 375 24.90 -26.88 -2.19
C LEU A 375 25.65 -25.56 -1.98
N PHE A 376 25.50 -24.63 -2.93
CA PHE A 376 26.03 -23.29 -2.78
C PHE A 376 25.04 -22.48 -1.95
N LYS A 377 25.52 -21.81 -0.90
CA LYS A 377 24.61 -21.13 0.01
C LYS A 377 25.07 -19.72 0.40
N LYS A 378 25.75 -19.01 -0.49
CA LYS A 378 25.98 -17.59 -0.29
C LYS A 378 24.68 -16.80 -0.42
N LYS A 379 23.91 -17.09 -1.46
CA LYS A 379 22.68 -16.35 -1.73
C LYS A 379 21.60 -16.67 -0.72
N LEU A 380 21.55 -17.92 -0.24
CA LEU A 380 20.61 -18.31 0.81
C LEU A 380 20.86 -17.57 2.11
N TYR A 381 22.13 -17.42 2.48
CA TYR A 381 22.47 -16.68 3.71
C TYR A 381 22.26 -15.19 3.53
N ALA A 382 22.51 -14.66 2.33
CA ALA A 382 22.26 -13.24 2.06
C ALA A 382 20.76 -12.93 2.07
N ARG A 383 19.93 -13.87 1.63
CA ARG A 383 18.50 -13.62 1.57
C ARG A 383 17.82 -13.87 2.92
N TYR A 384 18.22 -14.90 3.66
CA TYR A 384 17.39 -15.41 4.73
C TYR A 384 18.06 -15.49 6.10
N SER A 385 19.24 -14.88 6.27
CA SER A 385 19.90 -14.86 7.57
C SER A 385 20.43 -13.47 7.83
N HIS A 386 20.98 -13.29 9.04
CA HIS A 386 21.36 -11.97 9.54
C HIS A 386 22.60 -11.39 8.85
N ILE A 387 23.35 -12.20 8.09
CA ILE A 387 24.49 -11.67 7.36
C ILE A 387 24.04 -10.79 6.19
N GLY A 388 22.82 -10.98 5.70
CA GLY A 388 22.29 -10.12 4.67
C GLY A 388 21.97 -8.73 5.19
N ARG A 389 21.92 -7.78 4.27
CA ARG A 389 21.83 -6.38 4.62
C ARG A 389 20.51 -5.73 4.22
N ARG A 390 19.67 -6.41 3.46
CA ARG A 390 18.45 -5.83 2.94
C ARG A 390 17.28 -6.80 3.06
N ASN A 391 17.23 -7.54 4.15
CA ASN A 391 16.25 -8.62 4.28
C ASN A 391 15.31 -8.39 5.47
N PHE A 392 14.51 -9.41 5.78
CA PHE A 392 13.51 -9.32 6.84
C PHE A 392 14.15 -9.18 8.22
N LEU A 393 15.33 -9.78 8.42
CA LEU A 393 15.95 -9.75 9.73
C LEU A 393 16.54 -8.39 10.05
N THR A 394 16.96 -7.62 9.03
CA THR A 394 17.42 -6.27 9.29
C THR A 394 16.27 -5.37 9.70
N TYR A 395 15.08 -5.58 9.12
CA TYR A 395 13.85 -4.92 9.57
C TYR A 395 13.51 -5.29 11.00
N GLY A 396 13.64 -6.58 11.34
CA GLY A 396 13.33 -7.02 12.70
C GLY A 396 14.26 -6.48 13.76
N TYR A 397 15.57 -6.47 13.48
CA TYR A 397 16.51 -5.93 14.45
C TYR A 397 16.47 -4.41 14.52
N ARG A 398 16.12 -3.76 13.41
CA ARG A 398 15.86 -2.32 13.41
C ARG A 398 14.64 -1.96 14.26
N ALA A 399 13.58 -2.77 14.16
CA ALA A 399 12.39 -2.58 14.98
C ALA A 399 12.66 -2.86 16.45
N ALA A 400 13.50 -3.87 16.74
CA ALA A 400 13.86 -4.16 18.12
C ALA A 400 14.72 -3.05 18.71
N LYS A 401 15.56 -2.41 17.91
CA LYS A 401 16.35 -1.28 18.38
C LYS A 401 15.49 -0.05 18.64
N ILE A 402 14.58 0.28 17.72
CA ILE A 402 13.78 1.50 17.85
C ILE A 402 12.78 1.39 19.00
N MET A 403 12.06 0.28 19.09
CA MET A 403 10.99 0.14 20.08
C MET A 403 11.47 -0.30 21.44
N ASN A 404 12.76 -0.64 21.57
CA ASN A 404 13.42 -1.16 22.78
C ASN A 404 12.65 -2.38 23.31
N SER A 405 12.80 -3.48 22.59
CA SER A 405 12.05 -4.71 22.83
C SER A 405 13.00 -5.90 22.79
N LYS A 406 13.19 -6.55 23.94
CA LYS A 406 13.90 -7.82 23.96
C LYS A 406 13.03 -8.97 23.47
N ALA A 407 11.71 -8.79 23.47
CA ALA A 407 10.79 -9.83 23.01
C ALA A 407 10.86 -10.03 21.50
N ILE A 408 11.09 -8.95 20.75
CA ILE A 408 11.30 -9.05 19.30
C ILE A 408 12.59 -9.80 19.00
N LYS A 409 13.66 -9.53 19.78
CA LYS A 409 14.91 -10.26 19.67
C LYS A 409 14.74 -11.74 20.01
N ARG A 410 13.90 -12.05 21.00
CA ARG A 410 13.63 -13.46 21.31
C ARG A 410 12.79 -14.13 20.24
N GLN A 411 11.99 -13.36 19.50
CA GLN A 411 11.30 -13.91 18.32
C GLN A 411 12.29 -14.22 17.20
N LEU A 412 13.26 -13.34 16.97
CA LEU A 412 14.14 -13.49 15.82
C LEU A 412 15.27 -14.49 16.05
N LYS A 413 15.55 -14.85 17.31
CA LYS A 413 16.66 -15.72 17.64
C LYS A 413 16.62 -17.15 17.07
N PRO A 414 15.50 -17.91 17.05
CA PRO A 414 15.60 -19.26 16.47
C PRO A 414 15.70 -19.34 14.94
N LEU A 415 15.68 -18.21 14.22
CA LEU A 415 15.55 -18.26 12.76
C LEU A 415 16.81 -18.76 12.05
N GLN A 416 17.98 -18.64 12.68
CA GLN A 416 19.22 -19.12 12.08
C GLN A 416 19.25 -20.65 11.98
N LYS A 417 18.95 -21.32 13.10
CA LYS A 417 18.99 -22.78 13.15
C LYS A 417 17.87 -23.41 12.33
N ARG A 418 16.76 -22.69 12.13
CA ARG A 418 15.70 -23.20 11.27
C ARG A 418 16.12 -23.20 9.81
N LEU A 419 16.87 -22.17 9.38
CA LEU A 419 17.44 -22.16 8.03
C LEU A 419 18.47 -23.27 7.86
N GLU A 420 19.30 -23.49 8.88
CA GLU A 420 20.28 -24.57 8.83
C GLU A 420 19.63 -25.95 8.81
N ASN A 421 18.56 -26.15 9.58
CA ASN A 421 17.86 -27.43 9.57
C ASN A 421 17.06 -27.63 8.30
N GLU A 422 16.57 -26.55 7.69
CA GLU A 422 15.90 -26.65 6.40
C GLU A 422 16.89 -27.04 5.30
N ILE A 423 18.13 -26.55 5.40
CA ILE A 423 19.20 -26.97 4.49
C ILE A 423 19.52 -28.45 4.70
N LEU A 424 19.66 -28.87 5.95
CA LEU A 424 19.96 -30.28 6.23
C LEU A 424 18.79 -31.21 5.99
N LYS A 425 17.57 -30.70 5.83
CA LYS A 425 16.37 -31.52 5.68
C LYS A 425 16.35 -32.32 4.38
#